data_9BCY
#
_entry.id   9BCY
#
_cell.length_a   39.160
_cell.length_b   40.112
_cell.length_c   56.511
_cell.angle_alpha   93.585
_cell.angle_beta   94.403
_cell.angle_gamma   111.925
#
_symmetry.space_group_name_H-M   'P 1'
#
loop_
_entity.id
_entity.type
_entity.pdbx_description
1 polymer 'Structural polyprotein'
2 non-polymer 1,2-ETHANEDIOL
3 water water
#
_entity_poly.entity_id   1
_entity_poly.type   'polypeptide(L)'
_entity_poly.pdbx_seq_one_letter_code
;GHMKIEHDCIFEVKHEGKVTGYACLVGDKVMKPAHVPGVIDNIDLARLSYKKSSKYDLECAQIPVAMKSDASKYTHEKPE
GHYNWHYGAVQYTGGRFTVPTGVGKPGDSGRPIFDNKGRVVAIVLGGANEGARTALSVVTWNKDMVTKITPEGTEEW
;
_entity_poly.pdbx_strand_id   AAA,BBB
#
loop_
_chem_comp.id
_chem_comp.type
_chem_comp.name
_chem_comp.formula
EDO non-polymer 1,2-ETHANEDIOL 'C2 H6 O2'
#
# COMPACT_ATOMS: atom_id res chain seq x y z
N CYS A 9 -18.51 -2.65 11.66
CA CYS A 9 -17.90 -3.22 10.43
C CYS A 9 -17.29 -2.15 9.52
N ILE A 10 -17.38 -0.87 9.86
CA ILE A 10 -16.78 0.21 9.06
C ILE A 10 -15.81 0.94 9.96
N PHE A 11 -14.62 1.23 9.46
CA PHE A 11 -13.53 1.87 10.21
C PHE A 11 -13.01 3.05 9.40
N GLU A 12 -12.57 4.09 10.09
CA GLU A 12 -11.88 5.20 9.45
C GLU A 12 -10.45 4.82 9.13
N VAL A 13 -9.97 5.35 8.01
CA VAL A 13 -8.54 5.41 7.68
C VAL A 13 -8.12 6.84 7.97
N LYS A 14 -6.96 7.00 8.62
N LYS A 14 -6.96 7.00 8.62
CA LYS A 14 -6.47 8.35 8.98
CA LYS A 14 -6.46 8.34 8.98
C LYS A 14 -5.01 8.52 8.56
C LYS A 14 -5.01 8.51 8.54
N HIS A 15 -4.69 9.77 8.22
CA HIS A 15 -3.34 10.19 7.90
C HIS A 15 -3.17 11.59 8.48
N GLU A 16 -2.13 11.78 9.30
CA GLU A 16 -1.84 13.11 9.91
C GLU A 16 -3.06 13.61 10.68
N GLY A 17 -3.77 12.70 11.35
CA GLY A 17 -4.90 13.03 12.20
C GLY A 17 -6.21 13.29 11.47
N LYS A 18 -6.20 13.18 10.13
CA LYS A 18 -7.38 13.49 9.35
C LYS A 18 -7.94 12.18 8.78
N VAL A 19 -9.26 12.09 8.74
CA VAL A 19 -9.92 10.94 8.11
C VAL A 19 -9.73 11.07 6.61
N THR A 20 -9.21 10.04 5.97
CA THR A 20 -8.93 10.03 4.54
C THR A 20 -9.84 9.12 3.73
N GLY A 21 -10.59 8.26 4.42
CA GLY A 21 -11.47 7.29 3.77
C GLY A 21 -11.81 6.22 4.79
N TYR A 22 -12.28 5.07 4.28
CA TYR A 22 -12.85 4.03 5.13
C TYR A 22 -12.39 2.65 4.69
N ALA A 23 -12.46 1.72 5.64
CA ALA A 23 -12.24 0.31 5.40
C ALA A 23 -13.41 -0.45 5.99
N CYS A 24 -13.78 -1.59 5.41
CA CYS A 24 -14.96 -2.38 5.78
CA CYS A 24 -14.91 -2.33 5.95
C CYS A 24 -14.58 -3.81 6.10
N LEU A 25 -15.27 -4.43 7.03
CA LEU A 25 -15.18 -5.85 7.27
C LEU A 25 -16.26 -6.54 6.44
N VAL A 26 -15.85 -7.35 5.47
CA VAL A 26 -16.78 -7.99 4.54
C VAL A 26 -16.34 -9.43 4.36
N GLY A 27 -17.25 -10.38 4.63
CA GLY A 27 -16.89 -11.79 4.52
C GLY A 27 -15.79 -12.13 5.52
N ASP A 28 -14.66 -12.61 5.01
CA ASP A 28 -13.46 -12.93 5.78
CA ASP A 28 -13.53 -12.85 5.90
C ASP A 28 -12.41 -11.84 5.73
N LYS A 29 -12.66 -10.72 5.06
CA LYS A 29 -11.63 -9.74 4.73
C LYS A 29 -11.89 -8.36 5.30
N VAL A 30 -10.79 -7.74 5.70
CA VAL A 30 -10.70 -6.29 5.86
C VAL A 30 -10.45 -5.73 4.47
N MET A 31 -11.34 -4.85 3.99
CA MET A 31 -11.27 -4.32 2.63
C MET A 31 -11.10 -2.81 2.69
N LYS A 32 -10.03 -2.30 2.12
CA LYS A 32 -9.73 -0.88 2.07
C LYS A 32 -9.40 -0.54 0.62
N PRO A 33 -9.84 0.60 0.05
CA PRO A 33 -9.32 1.00 -1.25
C PRO A 33 -7.82 1.25 -1.14
N ALA A 34 -7.05 0.64 -2.03
CA ALA A 34 -5.59 0.74 -1.96
C ALA A 34 -5.12 2.17 -2.05
N HIS A 35 -5.79 2.98 -2.88
CA HIS A 35 -5.29 4.33 -3.14
C HIS A 35 -5.46 5.29 -1.97
N VAL A 36 -6.25 4.94 -0.97
CA VAL A 36 -6.50 5.85 0.15
C VAL A 36 -5.24 5.91 1.03
N PRO A 37 -4.68 7.10 1.28
CA PRO A 37 -3.50 7.23 2.16
C PRO A 37 -3.88 6.98 3.62
N GLY A 38 -2.90 6.51 4.38
CA GLY A 38 -3.05 6.42 5.83
C GLY A 38 -3.20 5.00 6.35
N VAL A 39 -3.56 4.94 7.64
CA VAL A 39 -3.64 3.65 8.35
CA VAL A 39 -3.60 3.70 8.42
C VAL A 39 -5.02 3.54 8.97
N ILE A 40 -5.53 2.31 8.97
CA ILE A 40 -6.84 2.07 9.57
C ILE A 40 -6.76 2.39 11.07
N ASP A 41 -7.76 3.11 11.57
CA ASP A 41 -7.80 3.53 12.98
C ASP A 41 -8.40 2.44 13.87
N ASN A 42 -7.67 1.34 13.98
CA ASN A 42 -8.04 0.24 14.86
C ASN A 42 -6.75 -0.46 15.26
N ILE A 43 -6.57 -0.71 16.56
CA ILE A 43 -5.32 -1.27 17.07
C ILE A 43 -4.99 -2.60 16.43
N ASP A 44 -6.00 -3.46 16.27
N ASP A 44 -6.00 -3.46 16.27
N ASP A 44 -6.00 -3.46 16.28
CA ASP A 44 -5.77 -4.78 15.70
CA ASP A 44 -5.77 -4.78 15.70
CA ASP A 44 -5.77 -4.78 15.71
C ASP A 44 -5.51 -4.67 14.20
C ASP A 44 -5.51 -4.67 14.20
C ASP A 44 -5.51 -4.65 14.21
N LEU A 45 -6.39 -3.94 13.50
CA LEU A 45 -6.29 -3.89 12.04
C LEU A 45 -5.01 -3.20 11.61
N ALA A 46 -4.54 -2.20 12.35
CA ALA A 46 -3.35 -1.46 11.94
C ALA A 46 -2.11 -2.35 11.97
N ARG A 47 -2.11 -3.41 12.76
CA ARG A 47 -0.94 -4.27 12.96
C ARG A 47 -0.91 -5.47 12.01
N LEU A 48 -1.87 -5.62 11.13
CA LEU A 48 -1.87 -6.68 10.15
C LEU A 48 -1.02 -6.34 8.93
N SER A 49 -0.57 -7.40 8.25
N SER A 49 -0.52 -7.36 8.27
CA SER A 49 -0.04 -7.31 6.88
CA SER A 49 -0.05 -7.14 6.89
C SER A 49 -1.15 -7.41 5.84
C SER A 49 -1.24 -7.22 5.95
N TYR A 50 -1.12 -6.51 4.85
CA TYR A 50 -2.18 -6.44 3.86
C TYR A 50 -1.62 -6.86 2.51
N LYS A 51 -2.47 -7.39 1.67
CA LYS A 51 -2.16 -7.60 0.26
C LYS A 51 -2.79 -6.48 -0.53
N LYS A 52 -2.02 -5.78 -1.34
CA LYS A 52 -2.43 -4.58 -2.05
C LYS A 52 -2.16 -4.76 -3.53
N SER A 53 -3.11 -4.39 -4.36
N SER A 53 -3.10 -4.42 -4.39
CA SER A 53 -2.89 -4.44 -5.81
CA SER A 53 -2.75 -4.30 -5.80
C SER A 53 -3.74 -3.38 -6.52
C SER A 53 -3.66 -3.31 -6.47
N SER A 54 -3.18 -2.83 -7.61
CA SER A 54 -3.92 -1.92 -8.45
C SER A 54 -5.00 -2.62 -9.26
N LYS A 55 -5.01 -3.94 -9.34
CA LYS A 55 -5.95 -4.64 -10.22
C LYS A 55 -7.40 -4.26 -9.90
N TYR A 56 -7.75 -4.32 -8.62
CA TYR A 56 -9.08 -3.96 -8.15
C TYR A 56 -9.05 -2.75 -7.24
N ASP A 57 -7.89 -2.10 -7.10
CA ASP A 57 -7.68 -1.03 -6.13
C ASP A 57 -8.07 -1.46 -4.73
N LEU A 58 -7.66 -2.67 -4.35
CA LEU A 58 -7.96 -3.22 -3.03
C LEU A 58 -6.67 -3.48 -2.24
N GLU A 59 -6.81 -3.22 -0.94
CA GLU A 59 -5.82 -3.55 0.09
C GLU A 59 -6.58 -4.37 1.13
N CYS A 60 -6.21 -5.63 1.33
N CYS A 60 -6.23 -5.64 1.31
CA CYS A 60 -7.01 -6.53 2.14
CA CYS A 60 -7.04 -6.51 2.16
C CYS A 60 -6.15 -7.31 3.12
C CYS A 60 -6.20 -7.39 3.06
N ALA A 61 -6.80 -7.73 4.20
CA ALA A 61 -6.19 -8.65 5.17
C ALA A 61 -7.28 -9.58 5.68
N GLN A 62 -6.86 -10.70 6.26
CA GLN A 62 -7.83 -11.56 6.95
C GLN A 62 -8.34 -10.88 8.21
N ILE A 63 -9.65 -10.92 8.42
CA ILE A 63 -10.21 -10.31 9.62
C ILE A 63 -9.71 -11.07 10.85
N PRO A 64 -9.25 -10.36 11.89
CA PRO A 64 -8.87 -11.04 13.14
C PRO A 64 -10.04 -11.84 13.71
N VAL A 65 -9.69 -12.94 14.40
CA VAL A 65 -10.68 -13.74 15.10
C VAL A 65 -11.66 -12.90 15.93
N ALA A 66 -11.14 -11.92 16.67
CA ALA A 66 -11.99 -11.11 17.55
C ALA A 66 -13.05 -10.30 16.82
N MET A 67 -12.85 -10.07 15.53
CA MET A 67 -13.68 -9.18 14.74
C MET A 67 -14.51 -9.92 13.70
N LYS A 68 -14.31 -11.23 13.53
CA LYS A 68 -14.95 -11.95 12.44
C LYS A 68 -16.46 -11.83 12.49
N SER A 69 -17.03 -11.90 13.69
CA SER A 69 -18.48 -11.92 13.82
C SER A 69 -19.10 -10.56 13.49
N ASP A 70 -18.31 -9.50 13.46
CA ASP A 70 -18.80 -8.18 13.09
C ASP A 70 -18.79 -7.95 11.58
N ALA A 71 -18.26 -8.86 10.80
CA ALA A 71 -18.19 -8.65 9.37
C ALA A 71 -19.56 -8.64 8.73
N SER A 72 -19.71 -7.83 7.70
CA SER A 72 -20.91 -7.87 6.89
CA SER A 72 -20.91 -7.88 6.88
C SER A 72 -20.86 -9.04 5.92
N LYS A 73 -22.04 -9.53 5.61
N LYS A 73 -22.04 -9.55 5.59
CA LYS A 73 -22.25 -10.41 4.46
CA LYS A 73 -22.16 -10.44 4.45
C LYS A 73 -22.18 -9.59 3.18
C LYS A 73 -22.18 -9.60 3.18
N TYR A 74 -22.00 -10.26 2.06
CA TYR A 74 -22.01 -9.63 0.74
C TYR A 74 -22.79 -10.48 -0.23
N THR A 75 -23.09 -9.89 -1.38
CA THR A 75 -23.75 -10.61 -2.46
C THR A 75 -23.35 -10.03 -3.79
N HIS A 76 -23.40 -10.88 -4.83
CA HIS A 76 -23.34 -10.47 -6.22
C HIS A 76 -24.66 -9.93 -6.75
N GLU A 77 -25.75 -10.18 -6.03
CA GLU A 77 -27.08 -9.86 -6.57
C GLU A 77 -27.32 -8.36 -6.58
N LYS A 78 -27.51 -7.82 -7.78
CA LYS A 78 -27.71 -6.39 -7.97
C LYS A 78 -28.86 -6.17 -8.96
N PRO A 79 -30.09 -6.59 -8.59
CA PRO A 79 -31.25 -6.19 -9.40
C PRO A 79 -31.34 -4.68 -9.45
N GLU A 80 -31.95 -4.16 -10.50
CA GLU A 80 -32.13 -2.72 -10.61
C GLU A 80 -33.06 -2.21 -9.53
N GLY A 81 -32.83 -0.96 -9.14
CA GLY A 81 -33.64 -0.33 -8.10
C GLY A 81 -32.77 0.61 -7.29
N HIS A 82 -32.88 0.51 -5.97
CA HIS A 82 -32.13 1.37 -5.05
C HIS A 82 -31.51 0.55 -3.94
N TYR A 83 -30.38 1.04 -3.50
CA TYR A 83 -29.55 0.48 -2.44
C TYR A 83 -29.27 1.57 -1.40
N ASN A 84 -28.52 1.19 -0.36
CA ASN A 84 -28.39 2.03 0.83
C ASN A 84 -26.93 2.34 1.09
N TRP A 85 -26.60 3.60 1.40
CA TRP A 85 -25.28 3.93 1.91
C TRP A 85 -25.42 5.02 2.94
N HIS A 86 -24.28 5.48 3.45
CA HIS A 86 -24.21 6.44 4.54
C HIS A 86 -25.13 7.63 4.29
N TYR A 87 -25.15 8.14 3.07
CA TYR A 87 -25.84 9.39 2.75
C TYR A 87 -27.29 9.22 2.30
N GLY A 88 -27.77 7.99 2.14
CA GLY A 88 -29.15 7.76 1.71
C GLY A 88 -29.21 6.70 0.63
N ALA A 89 -29.97 6.98 -0.42
CA ALA A 89 -30.22 6.00 -1.46
C ALA A 89 -29.19 6.08 -2.58
N VAL A 90 -28.90 4.93 -3.16
CA VAL A 90 -28.05 4.79 -4.34
C VAL A 90 -28.88 4.11 -5.42
N GLN A 91 -29.00 4.74 -6.58
CA GLN A 91 -29.71 4.11 -7.70
C GLN A 91 -28.82 3.09 -8.38
N TYR A 92 -29.40 2.00 -8.84
CA TYR A 92 -28.66 1.04 -9.67
C TYR A 92 -29.51 0.75 -10.90
N THR A 93 -28.99 1.15 -12.06
CA THR A 93 -29.68 0.94 -13.33
C THR A 93 -28.63 0.77 -14.42
N GLY A 94 -28.88 -0.15 -15.36
CA GLY A 94 -27.94 -0.34 -16.47
C GLY A 94 -26.52 -0.61 -16.03
N GLY A 95 -26.35 -1.35 -14.96
CA GLY A 95 -25.01 -1.71 -14.50
C GLY A 95 -24.25 -0.59 -13.78
N ARG A 96 -24.91 0.51 -13.44
CA ARG A 96 -24.27 1.68 -12.84
C ARG A 96 -24.94 2.09 -11.54
N PHE A 97 -24.13 2.28 -10.50
CA PHE A 97 -24.58 2.94 -9.29
C PHE A 97 -24.46 4.44 -9.45
N THR A 98 -25.53 5.19 -9.17
CA THR A 98 -25.48 6.64 -9.24
C THR A 98 -26.07 7.25 -7.97
N VAL A 99 -25.60 8.46 -7.70
CA VAL A 99 -26.08 9.29 -6.59
C VAL A 99 -26.14 10.72 -7.11
N PRO A 100 -26.84 11.63 -6.42
CA PRO A 100 -26.79 13.03 -6.82
C PRO A 100 -25.37 13.58 -6.69
N THR A 101 -24.99 14.42 -7.65
CA THR A 101 -23.65 15.01 -7.62
C THR A 101 -23.49 15.86 -6.36
N GLY A 102 -22.33 15.71 -5.72
CA GLY A 102 -21.97 16.43 -4.51
C GLY A 102 -22.34 15.69 -3.23
N VAL A 103 -23.15 14.65 -3.30
CA VAL A 103 -23.47 13.86 -2.11
C VAL A 103 -22.22 13.12 -1.65
N GLY A 104 -21.54 12.44 -2.56
CA GLY A 104 -20.23 11.84 -2.29
C GLY A 104 -19.18 12.80 -2.80
N LYS A 105 -17.99 12.70 -2.22
CA LYS A 105 -16.92 13.64 -2.53
C LYS A 105 -15.62 13.03 -2.06
N PRO A 106 -14.48 13.65 -2.39
CA PRO A 106 -13.20 13.21 -1.85
C PRO A 106 -13.30 13.01 -0.33
N GLY A 107 -12.84 11.85 0.13
CA GLY A 107 -12.95 11.45 1.53
C GLY A 107 -13.94 10.28 1.73
N ASP A 108 -14.79 10.02 0.76
CA ASP A 108 -15.81 8.98 0.88
C ASP A 108 -15.41 7.63 0.30
N SER A 109 -14.17 7.45 -0.16
CA SER A 109 -13.69 6.17 -0.63
CA SER A 109 -13.84 6.13 -0.66
C SER A 109 -13.70 5.14 0.51
N GLY A 110 -14.16 3.94 0.21
CA GLY A 110 -14.21 2.84 1.16
C GLY A 110 -15.57 2.65 1.81
N ARG A 111 -16.49 3.58 1.62
CA ARG A 111 -17.83 3.41 2.17
C ARG A 111 -18.54 2.29 1.42
N PRO A 112 -19.25 1.40 2.15
CA PRO A 112 -20.01 0.34 1.51
C PRO A 112 -21.40 0.78 1.08
N ILE A 113 -21.93 0.07 0.10
CA ILE A 113 -23.31 0.16 -0.35
C ILE A 113 -23.95 -1.20 -0.04
N PHE A 114 -25.15 -1.17 0.56
CA PHE A 114 -25.82 -2.36 1.06
C PHE A 114 -27.19 -2.51 0.43
N ASP A 115 -27.69 -3.75 0.39
CA ASP A 115 -29.08 -4.00 0.07
C ASP A 115 -29.88 -4.01 1.38
N ASN A 116 -31.19 -4.22 1.25
CA ASN A 116 -32.07 -4.09 2.42
C ASN A 116 -31.93 -5.24 3.40
N LYS A 117 -31.31 -6.35 2.97
CA LYS A 117 -30.96 -7.46 3.87
C LYS A 117 -29.64 -7.20 4.57
N GLY A 118 -29.01 -6.07 4.33
CA GLY A 118 -27.75 -5.73 4.98
C GLY A 118 -26.53 -6.36 4.32
N ARG A 119 -26.68 -6.90 3.11
CA ARG A 119 -25.52 -7.44 2.41
C ARG A 119 -24.83 -6.33 1.65
N VAL A 120 -23.49 -6.29 1.72
CA VAL A 120 -22.72 -5.37 0.90
C VAL A 120 -22.83 -5.79 -0.56
N VAL A 121 -23.15 -4.83 -1.43
CA VAL A 121 -23.15 -5.04 -2.88
C VAL A 121 -21.99 -4.34 -3.56
N ALA A 122 -21.38 -3.36 -2.91
CA ALA A 122 -20.28 -2.63 -3.53
C ALA A 122 -19.53 -1.86 -2.46
N ILE A 123 -18.29 -1.50 -2.78
CA ILE A 123 -17.49 -0.58 -1.99
C ILE A 123 -17.09 0.57 -2.90
N VAL A 124 -17.31 1.80 -2.45
CA VAL A 124 -17.04 2.99 -3.27
C VAL A 124 -15.55 3.27 -3.38
N LEU A 125 -15.09 3.47 -4.63
CA LEU A 125 -13.72 3.91 -4.89
C LEU A 125 -13.64 5.39 -5.26
N GLY A 126 -14.66 5.90 -5.96
CA GLY A 126 -14.63 7.25 -6.48
C GLY A 126 -15.92 7.49 -7.25
N GLY A 127 -15.94 8.59 -7.99
CA GLY A 127 -17.16 8.95 -8.72
C GLY A 127 -16.83 9.73 -9.98
N ALA A 128 -17.64 9.48 -11.00
CA ALA A 128 -17.60 10.23 -12.27
C ALA A 128 -18.76 11.22 -12.27
N ASN A 129 -18.41 12.50 -12.17
CA ASN A 129 -19.41 13.55 -12.27
C ASN A 129 -20.02 13.54 -13.66
N GLU A 130 -21.31 13.29 -13.78
CA GLU A 130 -22.03 13.27 -15.06
C GLU A 130 -23.06 14.40 -15.13
N GLY A 131 -22.89 15.41 -14.30
CA GLY A 131 -23.84 16.55 -14.28
C GLY A 131 -24.66 16.49 -13.01
N ALA A 132 -25.97 16.31 -13.15
CA ALA A 132 -26.83 16.23 -11.97
C ALA A 132 -26.53 15.00 -11.13
N ARG A 133 -26.10 13.92 -11.77
CA ARG A 133 -25.77 12.66 -11.09
C ARG A 133 -24.31 12.32 -11.27
N THR A 134 -23.82 11.49 -10.34
CA THR A 134 -22.46 10.97 -10.34
C THR A 134 -22.54 9.46 -10.36
N ALA A 135 -21.79 8.85 -11.29
CA ALA A 135 -21.72 7.40 -11.38
C ALA A 135 -20.53 6.92 -10.57
N LEU A 136 -20.76 5.97 -9.68
CA LEU A 136 -19.73 5.51 -8.77
C LEU A 136 -18.81 4.46 -9.39
N SER A 137 -17.52 4.63 -9.13
CA SER A 137 -16.54 3.60 -9.37
C SER A 137 -16.50 2.72 -8.11
N VAL A 138 -16.60 1.40 -8.30
CA VAL A 138 -16.82 0.49 -7.18
C VAL A 138 -16.01 -0.78 -7.35
N VAL A 139 -15.75 -1.41 -6.22
CA VAL A 139 -15.54 -2.85 -6.17
C VAL A 139 -16.90 -3.50 -5.97
N THR A 140 -17.17 -4.55 -6.74
CA THR A 140 -18.43 -5.28 -6.64
C THR A 140 -18.18 -6.73 -6.99
N TRP A 141 -19.15 -7.60 -6.79
CA TRP A 141 -18.97 -9.02 -6.96
C TRP A 141 -19.68 -9.55 -8.20
N ASN A 142 -18.93 -10.35 -8.96
N ASN A 142 -18.91 -10.30 -8.99
CA ASN A 142 -19.47 -11.11 -10.09
CA ASN A 142 -19.43 -11.13 -10.07
C ASN A 142 -19.32 -12.57 -9.67
C ASN A 142 -19.31 -12.56 -9.60
N LYS A 143 -20.44 -13.21 -9.36
CA LYS A 143 -20.43 -14.51 -8.73
C LYS A 143 -19.68 -14.41 -7.41
N ASP A 144 -18.65 -15.23 -7.21
CA ASP A 144 -17.85 -15.18 -6.00
C ASP A 144 -16.65 -14.23 -6.03
N MET A 145 -16.42 -13.56 -7.17
CA MET A 145 -15.18 -12.86 -7.41
C MET A 145 -15.34 -11.35 -7.36
N VAL A 146 -14.38 -10.66 -6.76
CA VAL A 146 -14.38 -9.20 -6.81
C VAL A 146 -14.06 -8.76 -8.23
N THR A 147 -14.58 -7.59 -8.56
CA THR A 147 -14.32 -6.89 -9.81
CA THR A 147 -14.32 -6.89 -9.81
C THR A 147 -14.27 -5.40 -9.50
N LYS A 148 -13.67 -4.62 -10.38
CA LYS A 148 -13.63 -3.17 -10.28
C LYS A 148 -14.34 -2.59 -11.50
N ILE A 149 -15.32 -1.74 -11.28
CA ILE A 149 -16.09 -1.12 -12.36
C ILE A 149 -15.91 0.36 -12.22
N THR A 150 -15.38 1.01 -13.25
CA THR A 150 -15.01 2.41 -13.20
C THR A 150 -15.61 3.14 -14.40
N PRO A 151 -16.66 3.95 -14.18
CA PRO A 151 -17.19 4.77 -15.25
C PRO A 151 -16.15 5.71 -15.82
N GLU A 152 -16.31 6.02 -17.11
CA GLU A 152 -15.49 7.06 -17.72
C GLU A 152 -15.63 8.36 -16.93
N GLY A 153 -14.52 9.06 -16.75
CA GLY A 153 -14.50 10.33 -16.05
C GLY A 153 -14.41 10.18 -14.54
N THR A 154 -14.12 8.99 -14.01
CA THR A 154 -14.01 8.82 -12.57
C THR A 154 -12.86 9.61 -11.98
N GLU A 155 -13.15 10.23 -10.86
CA GLU A 155 -12.13 10.70 -9.93
C GLU A 155 -12.07 9.76 -8.73
N GLU A 156 -10.89 9.28 -8.40
CA GLU A 156 -10.74 8.50 -7.17
C GLU A 156 -10.99 9.43 -6.00
N TRP A 157 -11.74 9.00 -5.01
CA TRP A 157 -12.05 9.82 -3.86
C TRP A 157 -11.10 9.63 -2.69
N CYS B 9 18.50 -4.41 -11.41
CA CYS B 9 17.74 -4.72 -10.21
C CYS B 9 17.09 -3.50 -9.56
N ILE B 10 17.23 -2.31 -10.10
CA ILE B 10 16.65 -1.09 -9.51
C ILE B 10 15.69 -0.44 -10.51
N PHE B 11 14.52 0.00 -10.04
CA PHE B 11 13.48 0.58 -10.87
C PHE B 11 13.08 1.92 -10.28
N GLU B 12 12.85 2.92 -11.12
CA GLU B 12 12.32 4.19 -10.66
C GLU B 12 10.87 4.06 -10.24
N VAL B 13 10.48 4.78 -9.21
CA VAL B 13 9.11 5.08 -8.84
C VAL B 13 8.85 6.51 -9.28
N LYS B 14 7.71 6.75 -9.91
CA LYS B 14 7.39 8.08 -10.43
C LYS B 14 6.01 8.50 -10.00
N HIS B 15 5.86 9.82 -9.83
CA HIS B 15 4.56 10.45 -9.59
C HIS B 15 4.57 11.77 -10.36
N GLU B 16 3.54 11.98 -11.18
CA GLU B 16 3.39 13.20 -11.99
C GLU B 16 4.65 13.45 -12.82
N GLY B 17 5.25 12.38 -13.35
CA GLY B 17 6.40 12.47 -14.27
C GLY B 17 7.74 12.64 -13.58
N LYS B 18 7.77 12.74 -12.25
CA LYS B 18 9.00 12.94 -11.50
C LYS B 18 9.40 11.66 -10.77
N VAL B 19 10.70 11.38 -10.73
CA VAL B 19 11.21 10.23 -9.95
C VAL B 19 11.10 10.57 -8.47
N THR B 20 10.42 9.72 -7.70
CA THR B 20 10.18 9.96 -6.28
C THR B 20 10.99 9.03 -5.37
N GLY B 21 11.57 7.97 -5.94
CA GLY B 21 12.30 6.96 -5.20
C GLY B 21 12.46 5.74 -6.07
N TYR B 22 12.73 4.60 -5.43
CA TYR B 22 13.14 3.40 -6.13
C TYR B 22 12.51 2.16 -5.52
N ALA B 23 12.34 1.16 -6.36
CA ALA B 23 12.09 -0.20 -5.94
C ALA B 23 13.28 -1.05 -6.36
N CYS B 24 13.58 -2.11 -5.61
N CYS B 24 13.50 -2.16 -5.69
CA CYS B 24 14.70 -2.97 -5.96
CA CYS B 24 14.71 -2.97 -5.89
C CYS B 24 14.30 -4.43 -5.89
C CYS B 24 14.35 -4.44 -5.84
N LEU B 25 15.02 -5.25 -6.67
CA LEU B 25 14.85 -6.69 -6.70
C LEU B 25 15.81 -7.31 -5.69
N VAL B 26 15.29 -7.90 -4.64
CA VAL B 26 16.06 -8.37 -3.50
C VAL B 26 15.55 -9.77 -3.15
N GLY B 27 16.44 -10.76 -3.17
CA GLY B 27 16.05 -12.13 -2.86
C GLY B 27 15.13 -12.64 -3.96
N ASP B 28 13.89 -12.89 -3.66
CA ASP B 28 12.87 -13.21 -4.66
C ASP B 28 11.69 -12.26 -4.57
N LYS B 29 11.97 -11.01 -4.20
CA LYS B 29 10.94 -9.99 -4.05
C LYS B 29 11.28 -8.70 -4.79
N VAL B 30 10.21 -8.02 -5.22
CA VAL B 30 10.26 -6.62 -5.58
C VAL B 30 9.97 -5.83 -4.32
N MET B 31 10.92 -5.04 -3.86
CA MET B 31 10.79 -4.33 -2.59
C MET B 31 10.72 -2.83 -2.85
N LYS B 32 9.74 -2.18 -2.23
CA LYS B 32 9.57 -0.74 -2.36
C LYS B 32 9.24 -0.17 -0.99
N PRO B 33 9.91 0.91 -0.54
CA PRO B 33 9.48 1.58 0.70
C PRO B 33 8.03 2.06 0.52
N ALA B 34 7.20 1.75 1.53
CA ALA B 34 5.79 2.07 1.41
C ALA B 34 5.53 3.55 1.29
N HIS B 35 6.33 4.38 1.97
CA HIS B 35 6.03 5.80 2.06
C HIS B 35 6.30 6.53 0.74
N VAL B 36 7.03 5.92 -0.18
CA VAL B 36 7.40 6.60 -1.41
C VAL B 36 6.17 6.78 -2.27
N PRO B 37 5.77 8.02 -2.62
CA PRO B 37 4.58 8.23 -3.46
C PRO B 37 4.82 7.78 -4.89
N GLY B 38 3.73 7.43 -5.58
CA GLY B 38 3.80 7.14 -6.99
C GLY B 38 3.73 5.66 -7.32
N VAL B 39 4.10 5.35 -8.57
CA VAL B 39 3.94 4.02 -9.18
C VAL B 39 5.30 3.60 -9.68
N ILE B 40 5.65 2.33 -9.49
CA ILE B 40 6.88 1.80 -10.11
C ILE B 40 6.76 1.95 -11.63
N ASP B 41 7.83 2.43 -12.27
CA ASP B 41 7.80 2.77 -13.70
C ASP B 41 8.03 1.56 -14.59
N ASN B 42 7.32 0.50 -14.30
CA ASN B 42 7.21 -0.66 -15.15
C ASN B 42 5.77 -1.13 -14.98
N ILE B 43 5.00 -1.24 -16.08
CA ILE B 43 3.56 -1.45 -15.93
C ILE B 43 3.27 -2.81 -15.30
N ASP B 44 4.11 -3.80 -15.55
CA ASP B 44 3.89 -5.13 -15.00
C ASP B 44 4.25 -5.18 -13.52
N LEU B 45 5.38 -4.59 -13.13
CA LEU B 45 5.69 -4.51 -11.70
C LEU B 45 4.61 -3.73 -10.95
N ALA B 46 4.09 -2.67 -11.56
CA ALA B 46 3.09 -1.82 -10.92
C ALA B 46 1.79 -2.57 -10.64
N ARG B 47 1.50 -3.65 -11.36
CA ARG B 47 0.25 -4.39 -11.24
C ARG B 47 0.34 -5.61 -10.31
N LEU B 48 1.53 -5.90 -9.76
CA LEU B 48 1.66 -7.08 -8.92
C LEU B 48 0.93 -6.87 -7.60
N SER B 49 0.67 -7.98 -6.92
CA SER B 49 0.18 -7.93 -5.54
CA SER B 49 0.19 -7.96 -5.54
C SER B 49 1.38 -7.76 -4.60
N TYR B 50 1.31 -6.73 -3.78
CA TYR B 50 2.33 -6.45 -2.79
C TYR B 50 1.82 -6.75 -1.39
N LYS B 51 2.64 -7.41 -0.59
CA LYS B 51 2.42 -7.54 0.84
C LYS B 51 2.95 -6.27 1.49
N LYS B 52 2.05 -5.54 2.17
CA LYS B 52 2.34 -4.24 2.74
C LYS B 52 2.40 -4.36 4.26
N SER B 53 3.45 -3.76 4.80
CA SER B 53 3.64 -3.63 6.24
C SER B 53 3.90 -2.17 6.61
N SER B 54 2.96 -1.58 7.32
CA SER B 54 3.18 -0.28 7.93
C SER B 54 4.36 -0.29 8.91
N LYS B 55 4.46 -1.35 9.70
CA LYS B 55 5.50 -1.43 10.74
C LYS B 55 6.89 -1.29 10.15
N TYR B 56 7.13 -1.91 8.99
CA TYR B 56 8.45 -1.92 8.37
C TYR B 56 8.56 -0.94 7.21
N ASP B 57 7.52 -0.16 6.94
CA ASP B 57 7.50 0.78 5.83
C ASP B 57 7.90 0.10 4.52
N LEU B 58 7.30 -1.04 4.25
CA LEU B 58 7.74 -1.90 3.15
C LEU B 58 6.58 -2.52 2.42
N GLU B 59 6.69 -2.52 1.09
CA GLU B 59 5.79 -3.28 0.22
C GLU B 59 6.64 -4.26 -0.57
N CYS B 60 6.25 -5.54 -0.60
CA CYS B 60 7.02 -6.57 -1.29
C CYS B 60 6.13 -7.46 -2.13
N ALA B 61 6.48 -7.63 -3.40
CA ALA B 61 5.77 -8.53 -4.31
C ALA B 61 6.69 -9.67 -4.68
N GLN B 62 6.13 -10.82 -4.99
CA GLN B 62 6.90 -11.92 -5.53
C GLN B 62 7.48 -11.53 -6.88
N ILE B 63 8.78 -11.82 -7.08
N ILE B 63 8.80 -11.69 -7.05
CA ILE B 63 9.45 -11.38 -8.29
CA ILE B 63 9.42 -11.29 -8.32
C ILE B 63 8.88 -12.13 -9.48
C ILE B 63 8.80 -12.08 -9.44
N PRO B 64 8.60 -11.44 -10.60
CA PRO B 64 8.25 -12.17 -11.80
C PRO B 64 9.35 -13.16 -12.17
N VAL B 65 8.91 -14.36 -12.56
N VAL B 65 8.90 -14.37 -12.51
CA VAL B 65 9.86 -15.46 -12.82
CA VAL B 65 9.84 -15.46 -12.82
C VAL B 65 10.87 -15.02 -13.88
C VAL B 65 10.87 -15.04 -13.87
N ALA B 66 10.45 -14.27 -14.88
CA ALA B 66 11.36 -13.83 -15.95
C ALA B 66 12.49 -12.94 -15.45
N MET B 67 12.31 -12.30 -14.30
CA MET B 67 13.29 -11.40 -13.71
C MET B 67 14.07 -12.02 -12.56
N LYS B 68 13.83 -13.31 -12.25
CA LYS B 68 14.37 -13.88 -11.02
C LYS B 68 15.89 -13.77 -10.97
N SER B 69 16.54 -13.94 -12.13
N SER B 69 16.57 -13.93 -12.12
CA SER B 69 18.01 -13.94 -12.20
CA SER B 69 18.04 -13.92 -12.16
C SER B 69 18.59 -12.54 -12.02
C SER B 69 18.62 -12.51 -12.20
N ASP B 70 17.75 -11.49 -12.18
CA ASP B 70 18.21 -10.11 -12.04
C ASP B 70 18.21 -9.64 -10.59
N ALA B 71 17.62 -10.41 -9.67
CA ALA B 71 17.56 -10.00 -8.29
C ALA B 71 18.93 -10.06 -7.65
N SER B 72 19.16 -9.17 -6.70
CA SER B 72 20.34 -9.22 -5.86
CA SER B 72 20.34 -9.25 -5.86
C SER B 72 20.11 -10.22 -4.73
N LYS B 73 21.15 -10.94 -4.33
CA LYS B 73 21.14 -11.67 -3.08
C LYS B 73 21.10 -10.68 -1.90
N TYR B 74 20.81 -11.18 -0.73
CA TYR B 74 20.76 -10.33 0.46
C TYR B 74 21.24 -11.10 1.68
N THR B 75 21.59 -10.37 2.73
CA THR B 75 22.14 -11.00 3.93
C THR B 75 21.85 -10.17 5.16
N HIS B 76 21.77 -10.84 6.31
CA HIS B 76 21.78 -10.22 7.62
C HIS B 76 23.18 -9.86 8.11
N GLU B 77 24.21 -10.38 7.46
CA GLU B 77 25.59 -10.20 7.93
C GLU B 77 26.03 -8.75 7.74
N LYS B 78 26.32 -8.08 8.84
CA LYS B 78 26.72 -6.68 8.82
C LYS B 78 27.87 -6.42 9.79
N PRO B 79 29.08 -6.98 9.50
CA PRO B 79 30.25 -6.61 10.27
C PRO B 79 30.51 -5.10 10.11
N GLU B 80 31.15 -4.51 11.10
CA GLU B 80 31.51 -3.10 11.00
C GLU B 80 32.50 -2.86 9.86
N GLY B 81 32.42 -1.66 9.31
CA GLY B 81 33.32 -1.27 8.24
C GLY B 81 32.62 -0.35 7.27
N HIS B 82 32.71 -0.63 5.98
CA HIS B 82 32.06 0.17 4.96
C HIS B 82 31.36 -0.74 3.97
N TYR B 83 30.29 -0.19 3.42
CA TYR B 83 29.40 -0.81 2.46
C TYR B 83 29.25 0.13 1.27
N ASN B 84 28.47 -0.30 0.29
CA ASN B 84 28.42 0.36 -1.01
C ASN B 84 26.99 0.79 -1.32
N TRP B 85 26.83 1.98 -1.90
CA TRP B 85 25.56 2.35 -2.51
C TRP B 85 25.85 3.21 -3.73
N HIS B 86 24.78 3.68 -4.36
CA HIS B 86 24.89 4.41 -5.62
C HIS B 86 25.91 5.53 -5.54
N TYR B 87 25.95 6.23 -4.42
CA TYR B 87 26.76 7.43 -4.28
C TYR B 87 28.16 7.21 -3.72
N GLY B 88 28.51 5.98 -3.35
CA GLY B 88 29.84 5.70 -2.80
C GLY B 88 29.77 4.85 -1.55
N ALA B 89 30.57 5.22 -0.56
CA ALA B 89 30.74 4.41 0.64
C ALA B 89 29.73 4.76 1.72
N VAL B 90 29.28 3.74 2.43
CA VAL B 90 28.39 3.87 3.58
C VAL B 90 29.11 3.27 4.77
N GLN B 91 29.36 4.06 5.82
CA GLN B 91 30.00 3.52 7.01
C GLN B 91 28.97 2.75 7.83
N TYR B 92 29.40 1.66 8.47
CA TYR B 92 28.56 0.93 9.41
C TYR B 92 29.36 0.72 10.67
N THR B 93 28.98 1.40 11.75
N THR B 93 28.91 1.36 11.75
CA THR B 93 29.63 1.22 13.04
CA THR B 93 29.58 1.35 13.05
C THR B 93 28.59 1.49 14.12
C THR B 93 28.53 1.50 14.14
N GLY B 94 28.70 0.73 15.22
CA GLY B 94 27.77 0.85 16.34
C GLY B 94 26.32 0.68 15.93
N GLY B 95 26.06 -0.19 14.96
CA GLY B 95 24.70 -0.48 14.54
C GLY B 95 24.05 0.60 13.69
N ARG B 96 24.85 1.53 13.16
N ARG B 96 24.80 1.60 13.22
CA ARG B 96 24.36 2.68 12.40
CA ARG B 96 24.23 2.65 12.35
C ARG B 96 25.03 2.76 11.03
C ARG B 96 24.99 2.77 11.04
N PHE B 97 24.22 2.92 9.97
CA PHE B 97 24.75 3.29 8.66
C PHE B 97 24.82 4.81 8.59
N THR B 98 25.96 5.35 8.17
CA THR B 98 26.11 6.78 7.96
C THR B 98 26.76 7.09 6.63
N VAL B 99 26.45 8.29 6.13
CA VAL B 99 27.01 8.83 4.91
C VAL B 99 27.36 10.29 5.15
N PRO B 100 28.16 10.92 4.29
CA PRO B 100 28.38 12.36 4.42
C PRO B 100 27.08 13.12 4.20
N THR B 101 26.83 14.12 5.05
CA THR B 101 25.62 14.92 4.90
C THR B 101 25.57 15.59 3.54
N GLY B 102 24.45 15.41 2.85
CA GLY B 102 24.25 16.00 1.54
C GLY B 102 24.35 15.01 0.38
N VAL B 103 24.90 13.83 0.61
CA VAL B 103 24.99 12.86 -0.47
C VAL B 103 23.62 12.32 -0.84
N GLY B 104 22.82 12.00 0.16
CA GLY B 104 21.46 11.51 -0.02
C GLY B 104 20.46 12.60 0.23
N LYS B 105 19.27 12.47 -0.33
CA LYS B 105 18.24 13.50 -0.22
C LYS B 105 16.91 12.86 -0.55
N PRO B 106 15.81 13.59 -0.33
CA PRO B 106 14.52 13.11 -0.78
C PRO B 106 14.57 12.74 -2.26
N GLY B 107 14.04 11.57 -2.59
CA GLY B 107 14.17 10.96 -3.89
C GLY B 107 15.08 9.73 -3.89
N ASP B 108 15.88 9.55 -2.82
CA ASP B 108 16.80 8.43 -2.71
C ASP B 108 16.26 7.24 -1.93
N SER B 109 15.04 7.29 -1.41
CA SER B 109 14.52 6.11 -0.72
C SER B 109 14.28 4.98 -1.71
N GLY B 110 14.60 3.77 -1.25
CA GLY B 110 14.48 2.56 -2.04
C GLY B 110 15.79 2.11 -2.63
N ARG B 111 16.80 2.97 -2.59
CA ARG B 111 18.13 2.55 -3.03
C ARG B 111 18.68 1.52 -2.05
N PRO B 112 19.32 0.46 -2.55
CA PRO B 112 19.94 -0.53 -1.68
C PRO B 112 21.36 -0.14 -1.27
N ILE B 113 21.76 -0.70 -0.14
CA ILE B 113 23.14 -0.72 0.33
C ILE B 113 23.62 -2.16 0.27
N PHE B 114 24.81 -2.37 -0.27
CA PHE B 114 25.35 -3.68 -0.58
C PHE B 114 26.70 -3.91 0.05
N ASP B 115 27.02 -5.17 0.31
CA ASP B 115 28.39 -5.54 0.65
C ASP B 115 29.19 -5.81 -0.63
N ASN B 116 30.48 -6.15 -0.48
CA ASN B 116 31.32 -6.26 -1.66
C ASN B 116 31.04 -7.51 -2.49
N LYS B 117 30.34 -8.48 -1.92
CA LYS B 117 29.85 -9.65 -2.66
C LYS B 117 28.60 -9.29 -3.46
N GLY B 118 28.09 -8.07 -3.34
CA GLY B 118 26.89 -7.68 -4.04
C GLY B 118 25.63 -8.06 -3.30
N ARG B 119 25.71 -8.44 -2.04
CA ARG B 119 24.53 -8.79 -1.26
C ARG B 119 23.94 -7.53 -0.66
N VAL B 120 22.62 -7.35 -0.80
CA VAL B 120 21.92 -6.25 -0.15
C VAL B 120 21.92 -6.46 1.35
N VAL B 121 22.33 -5.42 2.09
CA VAL B 121 22.28 -5.42 3.54
C VAL B 121 21.24 -4.47 4.09
N ALA B 122 20.73 -3.51 3.29
CA ALA B 122 19.74 -2.55 3.76
C ALA B 122 19.10 -1.88 2.56
N ILE B 123 17.91 -1.31 2.79
CA ILE B 123 17.22 -0.42 1.86
C ILE B 123 17.02 0.92 2.54
N VAL B 124 17.38 2.00 1.86
CA VAL B 124 17.32 3.34 2.46
C VAL B 124 15.89 3.84 2.52
N LEU B 125 15.52 4.35 3.70
CA LEU B 125 14.24 5.00 3.93
C LEU B 125 14.34 6.50 4.09
N GLY B 126 15.44 7.00 4.65
CA GLY B 126 15.57 8.42 4.98
C GLY B 126 16.88 8.63 5.71
N GLY B 127 17.07 9.85 6.20
CA GLY B 127 18.33 10.18 6.86
C GLY B 127 18.13 11.26 7.92
N ALA B 128 18.87 11.12 9.02
CA ALA B 128 18.91 12.10 10.08
C ALA B 128 20.21 12.89 9.98
N ASN B 129 20.08 14.19 9.75
CA ASN B 129 21.21 15.08 9.62
C ASN B 129 21.81 15.31 11.01
N GLU B 130 23.01 14.80 11.24
CA GLU B 130 23.68 14.89 12.53
C GLU B 130 24.92 15.78 12.46
N GLY B 131 24.99 16.63 11.44
CA GLY B 131 26.15 17.50 11.26
C GLY B 131 26.91 17.05 10.01
N ALA B 132 28.20 16.75 10.17
CA ALA B 132 28.99 16.29 9.04
C ALA B 132 28.48 14.97 8.45
N ARG B 133 27.87 14.15 9.30
CA ARG B 133 27.35 12.85 8.90
C ARG B 133 25.85 12.80 9.07
N THR B 134 25.25 11.95 8.23
CA THR B 134 23.82 11.67 8.24
C THR B 134 23.63 10.19 8.52
N ALA B 135 22.81 9.87 9.51
CA ALA B 135 22.53 8.50 9.90
C ALA B 135 21.28 8.04 9.16
N LEU B 136 21.36 6.88 8.51
CA LEU B 136 20.28 6.42 7.66
C LEU B 136 19.24 5.62 8.43
N SER B 137 17.98 5.90 8.08
CA SER B 137 16.86 5.04 8.42
C SER B 137 16.77 3.97 7.33
N VAL B 138 16.69 2.72 7.74
CA VAL B 138 16.77 1.59 6.81
C VAL B 138 15.78 0.50 7.17
N VAL B 139 15.43 -0.26 6.14
CA VAL B 139 15.01 -1.65 6.29
C VAL B 139 16.29 -2.49 6.27
N THR B 140 16.42 -3.42 7.21
CA THR B 140 17.58 -4.29 7.27
C THR B 140 17.16 -5.59 7.91
N TRP B 141 17.99 -6.62 7.85
CA TRP B 141 17.61 -7.94 8.30
C TRP B 141 18.48 -8.43 9.44
N ASN B 142 17.87 -8.96 10.50
CA ASN B 142 18.62 -9.79 11.42
C ASN B 142 18.50 -11.23 10.95
N LYS B 143 19.17 -12.13 11.68
CA LYS B 143 19.22 -13.54 11.25
C LYS B 143 17.82 -14.15 11.23
N ASP B 144 16.87 -13.59 11.98
CA ASP B 144 15.50 -14.13 12.06
C ASP B 144 14.51 -13.42 11.15
N MET B 145 14.56 -12.09 11.02
CA MET B 145 13.48 -11.37 10.35
C MET B 145 13.92 -9.97 9.88
N VAL B 146 13.10 -9.39 9.03
CA VAL B 146 13.26 -7.99 8.64
C VAL B 146 13.00 -7.09 9.84
N THR B 147 13.62 -5.91 9.78
CA THR B 147 13.47 -4.87 10.79
CA THR B 147 13.48 -4.87 10.80
C THR B 147 13.54 -3.51 10.11
N LYS B 148 13.08 -2.49 10.83
CA LYS B 148 13.21 -1.10 10.43
C LYS B 148 13.94 -0.36 11.55
N ILE B 149 15.03 0.31 11.20
CA ILE B 149 15.87 1.02 12.18
C ILE B 149 15.89 2.47 11.75
N THR B 150 15.43 3.37 12.64
CA THR B 150 15.22 4.77 12.30
C THR B 150 15.83 5.68 13.34
N PRO B 151 16.94 6.35 13.04
CA PRO B 151 17.55 7.30 13.97
C PRO B 151 16.59 8.42 14.31
N GLU B 152 16.75 8.94 15.53
CA GLU B 152 16.04 10.16 15.90
C GLU B 152 16.36 11.26 14.89
N GLY B 153 15.34 12.05 14.56
CA GLY B 153 15.53 13.18 13.64
C GLY B 153 15.54 12.81 12.16
N THR B 154 15.16 11.58 11.81
CA THR B 154 15.13 11.16 10.42
C THR B 154 14.13 12.00 9.63
N GLU B 155 14.56 12.42 8.45
CA GLU B 155 13.66 12.91 7.41
C GLU B 155 13.47 11.79 6.39
N GLU B 156 12.23 11.41 6.10
CA GLU B 156 11.97 10.40 5.10
C GLU B 156 12.44 10.92 3.76
N TRP B 157 13.01 10.05 2.97
CA TRP B 157 13.52 10.44 1.65
C TRP B 157 12.49 10.06 0.58
C1 EDO C . -0.82 7.28 10.49
O1 EDO C . -2.22 7.39 10.81
C2 EDO C . -0.40 8.04 9.27
O2 EDO C . -0.48 7.39 8.02
C1 EDO D . -19.77 -3.24 14.57
O1 EDO D . -18.73 -2.37 14.21
C2 EDO D . -20.94 -3.15 13.68
O2 EDO D . -20.88 -2.00 12.87
C1 EDO E . -0.60 2.82 18.65
O1 EDO E . -0.12 1.79 19.52
C2 EDO E . -2.05 2.67 18.32
O2 EDO E . -2.37 1.56 17.49
C1 EDO F . -31.05 10.57 -4.36
O1 EDO F . -31.71 9.65 -3.53
C2 EDO F . -31.24 10.31 -5.78
O2 EDO F . -31.76 11.39 -6.54
C1 EDO G . -20.27 13.89 -7.34
O1 EDO G . -20.21 14.22 -6.00
C2 EDO G . -19.06 14.09 -8.23
O2 EDO G . -18.28 15.24 -7.92
C1 EDO H . -5.77 -10.76 2.00
O1 EDO H . -5.32 -11.75 2.89
C2 EDO H . -6.34 -11.31 0.74
O2 EDO H . -5.95 -10.64 -0.45
C1 EDO I . 12.64 -12.13 1.48
O1 EDO I . 11.31 -12.52 1.26
C2 EDO I . 13.35 -11.79 0.22
O2 EDO I . 13.43 -12.89 -0.65
C1 EDO J . 18.69 -12.80 5.68
O1 EDO J . 18.61 -13.78 6.72
C2 EDO J . 19.23 -13.39 4.44
O2 EDO J . 20.53 -13.92 4.64
#